data_8BSG
#
_entry.id   8BSG
#
_cell.length_a   74.780
_cell.length_b   80.130
_cell.length_c   104.100
_cell.angle_alpha   90.00
_cell.angle_beta   90.00
_cell.angle_gamma   90.00
#
_symmetry.space_group_name_H-M   'P 21 21 21'
#
loop_
_entity.id
_entity.type
_entity.pdbx_description
1 polymer Albumin
2 non-polymer '2-[2,6-DICHLOROPHENYL)AMINO]BENZENEACETIC ACID'
3 non-polymer 'ACETATE ION'
4 non-polymer (20S)-2,5,8,11,14,17-HEXAMETHYL-3,6,9,12,15,18-HEXAOXAHENICOSANE-1,20-DIOL
5 non-polymer S-1,2-PROPANEDIOL
6 non-polymer 'SODIUM ION'
7 water water
#
_entity_poly.entity_id   1
_entity_poly.type   'polypeptide(L)'
_entity_poly.pdbx_seq_one_letter_code
;EAHKSEIAHRFNDVGEEHFIGLVLITFSQYLQKCPYEEHAKLVKEVTDLAKACVADESAANCDKSLHDIFGDKICALPSL
RDTYGDVADCCEKKEPERNECFLHHKDDKPDLPPFARPEADVLCKAFHDDEKAFFGHYLYEVARRHPYFYAPELLYYAQK
YKAILTECCEAADKGACLTPKLDALKEKALISAAQERLRCASIQKFGDRAYKAWALVRLSQRFPKADFTDISKIVTDLTK
VHKECCHGDLLECADDRADLAKYMCEHQETISSHLKECCDKPILEKAHCIYGLHNDETPAGLPAVAEEFVEDKDVCKNYE
EAKDLFLGKFLYEYSRRHPDYSVVLLLRLGKAYEATLKKCCATDDPHACYAKVLDEFQPLVDEPKNLVKQNCELYEQLGD
YNFQNALLVRYTKKVPQVSTPTLVEISRSLGKVGSKCCKHPEAERLPCVEDYLSVVLNRLCVLHEKTPVSEKVTKCCSES
LVDRRPCFSALGPDETYVPKEFNAETFTFHADICTLPETERKIKKQTALVELVKHKPHATNDQLKTVVGEFTALLDKCCS
AEDKEACFAVEGPKLVESSKATLG
;
_entity_poly.pdbx_strand_id   A
#
loop_
_chem_comp.id
_chem_comp.type
_chem_comp.name
_chem_comp.formula
ACT non-polymer 'ACETATE ION' 'C2 H3 O2 -1'
DIF non-polymer '2-[2,6-DICHLOROPHENYL)AMINO]BENZENEACETIC ACID' 'C14 H11 Cl2 N O2'
NA non-polymer 'SODIUM ION' 'Na 1'
PGO non-polymer S-1,2-PROPANEDIOL 'C3 H8 O2'
POG non-polymer (20S)-2,5,8,11,14,17-HEXAMETHYL-3,6,9,12,15,18-HEXAOXAHENICOSANE-1,20-DIOL 'C21 H44 O8'
#
# COMPACT_ATOMS: atom_id res chain seq x y z
N GLU A 1 34.68 15.92 -5.68
CA GLU A 1 34.60 17.19 -6.47
C GLU A 1 33.94 18.25 -5.60
N ALA A 2 34.42 19.50 -5.67
CA ALA A 2 33.77 20.65 -5.00
C ALA A 2 32.22 20.73 -5.30
N HIS A 3 31.41 20.87 -4.24
CA HIS A 3 29.93 20.88 -4.39
C HIS A 3 29.28 21.61 -3.24
N LYS A 4 28.05 22.04 -3.46
CA LYS A 4 27.23 22.54 -2.36
C LYS A 4 26.80 21.36 -1.46
N SER A 5 27.02 21.52 -0.15
CA SER A 5 26.63 20.53 0.88
C SER A 5 25.22 20.06 0.66
N GLU A 6 25.02 18.76 0.45
CA GLU A 6 23.69 18.17 0.30
C GLU A 6 22.84 18.36 1.55
N ILE A 7 23.34 18.06 2.78
CA ILE A 7 22.50 18.24 3.96
C ILE A 7 22.01 19.70 4.12
N ALA A 8 22.87 20.69 3.85
CA ALA A 8 22.52 22.12 3.93
C ALA A 8 21.56 22.46 2.82
N HIS A 9 21.77 21.92 1.63
CA HIS A 9 20.84 22.17 0.49
C HIS A 9 19.38 21.67 0.83
N ARG A 10 19.29 20.46 1.38
CA ARG A 10 17.98 19.88 1.66
C ARG A 10 17.37 20.61 2.89
N PHE A 11 18.17 20.81 3.96
CA PHE A 11 17.74 21.61 5.15
C PHE A 11 17.23 22.96 4.68
N ASN A 12 18.01 23.66 3.87
CA ASN A 12 17.50 24.91 3.33
C ASN A 12 16.24 24.74 2.51
N ASP A 13 16.17 23.71 1.66
CA ASP A 13 14.97 23.63 0.77
C ASP A 13 13.66 23.31 1.48
N VAL A 14 13.70 22.39 2.45
CA VAL A 14 12.42 21.97 3.11
C VAL A 14 12.09 22.64 4.44
N GLY A 15 13.02 23.37 5.01
CA GLY A 15 12.82 24.00 6.34
C GLY A 15 13.05 23.00 7.48
N GLU A 16 13.46 23.53 8.63
CA GLU A 16 13.78 22.72 9.80
C GLU A 16 12.70 21.73 10.19
N GLU A 17 11.45 22.16 10.17
CA GLU A 17 10.36 21.38 10.69
C GLU A 17 10.15 20.09 9.86
N HIS A 18 10.04 20.25 8.52
CA HIS A 18 9.93 19.06 7.63
C HIS A 18 11.23 18.24 7.60
N PHE A 19 12.40 18.91 7.74
CA PHE A 19 13.66 18.22 7.77
C PHE A 19 13.65 17.28 8.98
N ILE A 20 13.26 17.82 10.13
CA ILE A 20 13.20 17.00 11.36
C ILE A 20 12.25 15.79 11.19
N GLY A 21 11.05 16.05 10.69
CA GLY A 21 10.06 14.98 10.44
C GLY A 21 10.58 13.99 9.44
N LEU A 22 11.16 14.49 8.33
CA LEU A 22 11.66 13.55 7.29
C LEU A 22 12.82 12.69 7.73
N VAL A 23 13.70 13.25 8.54
CA VAL A 23 14.79 12.52 9.09
C VAL A 23 14.31 11.49 10.13
N LEU A 24 13.31 11.85 10.90
CA LEU A 24 12.74 10.90 11.91
C LEU A 24 12.10 9.71 11.17
N ILE A 25 11.49 10.00 10.05
CA ILE A 25 10.79 8.89 9.31
C ILE A 25 11.89 8.03 8.68
N THR A 26 12.99 8.67 8.25
CA THR A 26 14.13 7.94 7.65
C THR A 26 14.66 6.93 8.61
N PHE A 27 15.07 7.37 9.82
CA PHE A 27 15.53 6.48 10.85
C PHE A 27 14.55 5.39 11.27
N SER A 28 13.28 5.76 11.44
CA SER A 28 12.22 4.88 11.95
C SER A 28 11.94 3.77 10.90
N GLN A 29 12.11 4.09 9.63
CA GLN A 29 11.90 3.13 8.57
C GLN A 29 13.09 2.16 8.38
N TYR A 30 14.32 2.64 8.62
CA TYR A 30 15.56 1.83 8.58
C TYR A 30 15.69 0.99 9.83
N LEU A 31 15.23 1.44 11.00
CA LEU A 31 15.52 0.69 12.28
C LEU A 31 14.28 0.57 13.05
N GLN A 32 13.40 -0.26 12.54
CA GLN A 32 12.04 -0.33 13.01
C GLN A 32 11.89 -0.81 14.40
N LYS A 33 12.89 -1.52 14.90
CA LYS A 33 12.74 -2.12 16.23
C LYS A 33 13.40 -1.28 17.35
N CYS A 34 14.29 -0.35 17.01
CA CYS A 34 14.94 0.53 18.03
CA CYS A 34 14.91 0.43 18.10
C CYS A 34 13.91 1.46 18.73
N PRO A 35 14.05 1.72 20.08
CA PRO A 35 13.15 2.60 20.81
C PRO A 35 13.16 4.01 20.31
N TYR A 36 12.07 4.68 20.61
CA TYR A 36 11.90 6.09 20.26
C TYR A 36 13.10 7.01 20.72
N GLU A 37 13.63 6.75 21.94
CA GLU A 37 14.72 7.55 22.57
CA GLU A 37 14.71 7.54 22.55
C GLU A 37 15.92 7.55 21.63
N GLU A 38 16.20 6.37 21.05
CA GLU A 38 17.33 6.22 20.16
C GLU A 38 17.16 7.07 18.93
N HIS A 39 16.03 6.91 18.24
CA HIS A 39 15.74 7.72 17.08
C HIS A 39 15.79 9.25 17.31
N ALA A 40 15.20 9.65 18.43
CA ALA A 40 15.21 11.06 18.87
C ALA A 40 16.64 11.64 18.97
N LYS A 41 17.54 10.84 19.58
CA LYS A 41 18.98 11.14 19.67
C LYS A 41 19.51 11.37 18.28
N LEU A 42 19.23 10.42 17.41
CA LEU A 42 19.81 10.41 16.07
C LEU A 42 19.37 11.60 15.28
N VAL A 43 18.06 11.89 15.36
CA VAL A 43 17.46 13.00 14.62
C VAL A 43 18.12 14.33 15.12
N LYS A 44 18.35 14.43 16.42
CA LYS A 44 18.95 15.69 16.94
C LYS A 44 20.39 15.88 16.43
N GLU A 45 21.14 14.80 16.35
CA GLU A 45 22.52 14.84 15.85
C GLU A 45 22.53 15.24 14.40
N VAL A 46 21.55 14.75 13.62
CA VAL A 46 21.55 15.05 12.20
C VAL A 46 21.13 16.47 11.99
N THR A 47 20.17 16.93 12.78
CA THR A 47 19.66 18.28 12.68
C THR A 47 20.78 19.32 13.16
N ASP A 48 21.59 18.95 14.14
CA ASP A 48 22.71 19.85 14.59
C ASP A 48 23.77 19.95 13.52
N LEU A 49 24.05 18.80 12.90
CA LEU A 49 24.97 18.72 11.76
C LEU A 49 24.50 19.62 10.62
N ALA A 50 23.22 19.49 10.25
CA ALA A 50 22.66 20.27 9.13
C ALA A 50 22.78 21.77 9.40
N LYS A 51 22.48 22.16 10.64
CA LYS A 51 22.58 23.57 11.04
C LYS A 51 24.05 24.01 11.03
N ALA A 52 24.96 23.14 11.48
CA ALA A 52 26.39 23.47 11.39
C ALA A 52 26.80 23.73 9.92
N CYS A 53 26.34 22.90 9.01
CA CYS A 53 26.67 22.98 7.56
C CYS A 53 26.05 24.13 6.82
N VAL A 54 24.82 24.49 7.18
CA VAL A 54 24.12 25.66 6.68
C VAL A 54 24.96 26.94 7.06
N ALA A 55 25.54 26.95 8.25
CA ALA A 55 26.33 28.08 8.76
C ALA A 55 27.66 28.16 7.99
N ASP A 56 28.27 27.00 7.78
CA ASP A 56 29.61 26.98 7.18
C ASP A 56 29.58 25.61 6.42
N GLU A 57 29.35 25.71 5.11
CA GLU A 57 29.42 24.52 4.24
C GLU A 57 30.71 23.77 4.23
N SER A 58 31.79 24.42 4.66
CA SER A 58 33.05 23.76 4.71
C SER A 58 33.22 22.92 5.95
N ALA A 59 32.29 23.11 6.99
CA ALA A 59 32.33 22.33 8.28
C ALA A 59 32.48 20.83 8.03
N ALA A 60 33.02 20.10 9.04
CA ALA A 60 33.34 18.66 8.89
C ALA A 60 32.04 17.94 8.64
N ASN A 61 32.12 16.89 7.81
CA ASN A 61 30.97 16.08 7.38
C ASN A 61 30.02 16.79 6.45
N CYS A 62 30.15 18.10 6.31
CA CYS A 62 29.22 18.82 5.40
C CYS A 62 29.27 18.43 3.94
N ASP A 63 30.43 17.93 3.50
CA ASP A 63 30.57 17.45 2.12
C ASP A 63 30.12 15.98 1.93
N LYS A 64 29.74 15.27 2.99
CA LYS A 64 29.38 13.86 2.84
C LYS A 64 28.01 13.63 2.14
N SER A 65 27.79 12.45 1.55
CA SER A 65 26.40 12.10 1.07
C SER A 65 25.43 11.92 2.23
N LEU A 66 24.16 12.18 1.97
CA LEU A 66 23.15 11.88 3.00
C LEU A 66 23.22 10.41 3.48
N HIS A 67 23.42 9.44 2.58
CA HIS A 67 23.65 8.03 3.01
C HIS A 67 24.86 7.89 3.97
N ASP A 68 25.98 8.57 3.67
CA ASP A 68 27.17 8.54 4.58
C ASP A 68 26.78 9.04 5.98
N ILE A 69 26.03 10.14 6.00
CA ILE A 69 25.65 10.83 7.22
C ILE A 69 24.71 9.97 8.07
N PHE A 70 23.63 9.45 7.47
CA PHE A 70 22.71 8.53 8.16
C PHE A 70 23.42 7.27 8.65
N GLY A 71 24.25 6.68 7.78
CA GLY A 71 25.05 5.51 8.08
C GLY A 71 26.04 5.71 9.24
N ASP A 72 26.86 6.79 9.18
CA ASP A 72 27.78 7.11 10.31
C ASP A 72 27.11 7.44 11.64
N LYS A 73 25.97 8.15 11.62
CA LYS A 73 25.23 8.43 12.86
C LYS A 73 24.76 7.10 13.46
N ILE A 74 24.14 6.26 12.62
CA ILE A 74 23.66 4.92 13.05
C ILE A 74 24.76 4.04 13.64
N CYS A 75 25.86 3.94 12.88
CA CYS A 75 26.94 3.06 13.28
C CYS A 75 27.65 3.52 14.57
N ALA A 76 27.80 4.84 14.76
CA ALA A 76 28.46 5.44 15.96
C ALA A 76 27.58 5.62 17.23
N LEU A 77 26.35 5.06 17.23
CA LEU A 77 25.52 5.11 18.42
C LEU A 77 25.67 3.80 19.19
N PRO A 78 26.50 3.81 20.27
CA PRO A 78 26.78 2.61 21.05
C PRO A 78 25.51 2.03 21.67
N SER A 79 24.59 2.93 22.03
CA SER A 79 23.21 2.65 22.49
C SER A 79 22.53 1.51 21.73
N LEU A 80 22.79 1.42 20.43
CA LEU A 80 22.15 0.44 19.53
C LEU A 80 22.68 -0.98 19.88
N ARG A 81 22.22 -1.45 21.05
CA ARG A 81 22.79 -2.54 21.89
C ARG A 81 23.27 -3.75 21.13
N ASP A 82 22.68 -3.97 19.96
CA ASP A 82 22.76 -5.21 19.18
C ASP A 82 22.08 -6.39 19.89
N THR A 83 21.32 -6.08 20.96
CA THR A 83 20.21 -6.93 21.42
C THR A 83 19.20 -6.91 20.27
N TYR A 84 19.39 -5.91 19.39
CA TYR A 84 18.77 -5.77 18.09
C TYR A 84 19.84 -6.13 17.06
N GLY A 85 19.67 -7.30 16.44
CA GLY A 85 20.62 -7.84 15.45
C GLY A 85 20.70 -7.04 14.16
N ASP A 86 21.85 -7.14 13.49
CA ASP A 86 22.13 -6.54 12.15
C ASP A 86 22.61 -5.11 12.08
N VAL A 87 22.60 -4.43 13.23
CA VAL A 87 23.19 -3.09 13.34
C VAL A 87 24.70 -3.15 13.00
N ALA A 88 25.43 -4.11 13.59
CA ALA A 88 26.83 -4.37 13.24
C ALA A 88 26.98 -4.90 11.81
N ASP A 89 26.09 -5.84 11.46
CA ASP A 89 26.00 -6.51 10.16
C ASP A 89 26.22 -5.55 8.98
N CYS A 90 25.41 -4.50 8.96
CA CYS A 90 25.46 -3.51 7.90
C CYS A 90 26.54 -2.50 8.05
N CYS A 91 26.87 -2.16 9.31
CA CYS A 91 27.96 -1.23 9.67
C CYS A 91 29.37 -1.74 9.26
N GLU A 92 29.48 -3.08 9.10
CA GLU A 92 30.67 -3.74 8.51
C GLU A 92 30.97 -3.25 7.08
N LYS A 93 29.91 -2.83 6.37
CA LYS A 93 30.03 -2.39 4.96
C LYS A 93 30.47 -0.95 4.76
N LYS A 94 31.06 -0.75 3.54
CA LYS A 94 31.32 0.55 2.97
C LYS A 94 30.08 0.97 2.17
N GLU A 95 29.92 2.27 1.93
CA GLU A 95 28.93 2.72 0.94
C GLU A 95 29.42 2.31 -0.47
N PRO A 96 28.55 1.95 -1.43
CA PRO A 96 27.07 1.93 -1.26
C PRO A 96 26.47 0.66 -0.65
N GLU A 97 27.28 -0.37 -0.39
CA GLU A 97 26.75 -1.63 0.19
C GLU A 97 26.02 -1.48 1.53
N ARG A 98 26.56 -0.62 2.40
CA ARG A 98 26.00 -0.32 3.72
C ARG A 98 24.56 0.14 3.58
N ASN A 99 24.32 1.17 2.75
CA ASN A 99 22.99 1.75 2.67
C ASN A 99 22.01 0.69 2.12
N GLU A 100 22.42 -0.05 1.09
CA GLU A 100 21.68 -1.20 0.55
C GLU A 100 21.37 -2.26 1.61
N CYS A 101 22.36 -2.55 2.48
CA CYS A 101 22.18 -3.47 3.62
C CYS A 101 21.03 -2.96 4.55
N PHE A 102 21.09 -1.72 5.06
CA PHE A 102 20.02 -1.13 5.91
C PHE A 102 18.62 -1.24 5.25
N LEU A 103 18.59 -0.94 3.96
CA LEU A 103 17.42 -0.99 3.11
C LEU A 103 16.80 -2.38 2.90
N HIS A 104 17.66 -3.37 2.73
CA HIS A 104 17.18 -4.74 2.60
C HIS A 104 16.61 -5.32 3.87
N HIS A 105 16.93 -4.72 5.02
CA HIS A 105 16.29 -5.09 6.33
C HIS A 105 14.86 -4.48 6.58
N LYS A 106 14.30 -3.65 5.67
CA LYS A 106 12.92 -3.13 5.95
C LYS A 106 11.97 -4.36 6.10
N ASP A 107 11.17 -4.41 7.15
CA ASP A 107 10.33 -5.55 7.47
C ASP A 107 8.87 -5.05 7.19
N ASP A 108 8.21 -5.67 6.22
CA ASP A 108 6.81 -5.28 5.92
C ASP A 108 5.81 -5.70 7.00
N LYS A 109 6.21 -6.53 7.95
CA LYS A 109 5.31 -6.76 9.08
C LYS A 109 6.14 -6.96 10.36
N PRO A 110 6.64 -5.87 10.95
CA PRO A 110 7.51 -6.03 12.12
C PRO A 110 6.72 -6.57 13.32
N ASP A 111 7.42 -7.27 14.19
CA ASP A 111 6.79 -7.97 15.32
C ASP A 111 6.51 -6.95 16.47
N LEU A 112 5.28 -6.41 16.45
CA LEU A 112 4.83 -5.29 17.26
C LEU A 112 3.34 -5.41 17.56
N PRO A 113 2.92 -4.95 18.76
CA PRO A 113 1.49 -4.84 19.13
C PRO A 113 0.69 -3.93 18.17
N PRO A 114 -0.63 -4.18 18.02
CA PRO A 114 -1.47 -3.30 17.19
C PRO A 114 -1.09 -2.04 17.98
N PHE A 115 -1.22 -0.91 17.28
CA PHE A 115 -0.93 0.49 17.74
C PHE A 115 -2.12 0.87 18.65
N ALA A 116 -1.97 0.63 19.96
CA ALA A 116 -3.07 0.79 20.92
C ALA A 116 -3.46 2.26 21.03
N ARG A 117 -4.75 2.55 20.81
CA ARG A 117 -5.22 3.92 20.81
C ARG A 117 -5.68 4.28 22.22
N PRO A 118 -4.99 5.25 22.86
CA PRO A 118 -5.41 5.66 24.21
C PRO A 118 -6.84 6.21 24.20
N GLU A 119 -7.51 6.18 25.35
CA GLU A 119 -8.79 6.86 25.48
C GLU A 119 -8.69 8.39 25.22
N ALA A 120 -9.79 8.98 24.78
CA ALA A 120 -9.81 10.32 24.24
C ALA A 120 -9.27 11.40 25.19
N ASP A 121 -9.58 11.24 26.48
CA ASP A 121 -9.11 12.18 27.49
C ASP A 121 -7.59 12.15 27.60
N VAL A 122 -7.02 10.94 27.65
CA VAL A 122 -5.57 10.72 27.68
C VAL A 122 -4.93 11.28 26.41
N LEU A 123 -5.52 10.89 25.29
CA LEU A 123 -5.03 11.33 24.00
C LEU A 123 -4.92 12.87 23.98
N CYS A 124 -6.04 13.55 24.20
CA CYS A 124 -6.09 15.03 24.27
C CYS A 124 -5.08 15.71 25.25
N LYS A 125 -4.96 15.12 26.45
CA LYS A 125 -3.99 15.47 27.48
C LYS A 125 -2.50 15.34 27.06
N ALA A 126 -2.11 14.17 26.56
CA ALA A 126 -0.76 14.06 25.94
C ALA A 126 -0.48 15.11 24.85
N PHE A 127 -1.45 15.34 23.97
CA PHE A 127 -1.33 16.37 22.92
C PHE A 127 -1.10 17.79 23.50
N HIS A 128 -1.96 18.21 24.43
CA HIS A 128 -1.79 19.44 25.19
C HIS A 128 -0.50 19.46 25.94
N ASP A 129 -0.11 18.34 26.52
CA ASP A 129 1.08 18.38 27.31
C ASP A 129 2.27 18.86 26.46
N ASP A 130 2.54 18.24 25.30
CA ASP A 130 3.85 18.46 24.59
C ASP A 130 3.66 17.99 23.13
N GLU A 131 3.51 18.94 22.23
CA GLU A 131 3.15 18.62 20.83
C GLU A 131 4.24 17.91 20.08
N LYS A 132 5.48 18.34 20.36
CA LYS A 132 6.64 17.75 19.69
C LYS A 132 6.93 16.33 20.09
N ALA A 133 6.84 16.01 21.36
CA ALA A 133 6.98 14.62 21.74
C ALA A 133 5.78 13.81 21.17
N PHE A 134 4.57 14.42 21.15
CA PHE A 134 3.34 13.73 20.70
C PHE A 134 3.53 13.40 19.23
N PHE A 135 3.87 14.39 18.42
CA PHE A 135 3.98 14.09 16.96
C PHE A 135 5.21 13.35 16.60
N GLY A 136 6.28 13.53 17.38
CA GLY A 136 7.48 12.67 17.24
C GLY A 136 7.07 11.22 17.42
N HIS A 137 6.42 10.91 18.53
CA HIS A 137 5.98 9.54 18.72
C HIS A 137 5.06 9.10 17.61
N TYR A 138 4.17 9.97 17.13
CA TYR A 138 3.25 9.55 16.07
C TYR A 138 3.96 9.16 14.77
N LEU A 139 4.87 10.03 14.31
CA LEU A 139 5.62 9.73 13.04
C LEU A 139 6.43 8.44 13.22
N TYR A 140 7.05 8.26 14.41
CA TYR A 140 7.85 7.11 14.66
C TYR A 140 6.97 5.84 14.63
N GLU A 141 5.84 5.88 15.32
CA GLU A 141 5.01 4.69 15.35
C GLU A 141 4.42 4.30 13.99
N VAL A 142 4.03 5.27 13.18
CA VAL A 142 3.45 4.97 11.88
C VAL A 142 4.56 4.55 10.90
N ALA A 143 5.68 5.27 10.89
CA ALA A 143 6.76 4.92 9.92
C ALA A 143 7.36 3.53 10.16
N ARG A 144 7.58 3.14 11.43
CA ARG A 144 8.24 1.89 11.67
C ARG A 144 7.28 0.70 11.38
N ARG A 145 5.97 0.96 11.36
CA ARG A 145 5.02 -0.08 11.05
C ARG A 145 4.72 -0.14 9.53
N HIS A 146 5.06 0.93 8.80
CA HIS A 146 4.81 1.05 7.36
C HIS A 146 6.10 1.60 6.75
N PRO A 147 7.11 0.71 6.57
CA PRO A 147 8.40 1.26 6.23
C PRO A 147 8.55 1.74 4.81
N TYR A 148 7.48 1.71 3.99
CA TYR A 148 7.53 2.40 2.69
C TYR A 148 6.49 3.50 2.59
N PHE A 149 5.85 3.89 3.71
CA PHE A 149 4.89 4.97 3.69
C PHE A 149 5.49 6.18 2.90
N TYR A 150 4.70 6.72 1.99
CA TYR A 150 5.14 7.84 1.15
C TYR A 150 5.42 9.02 2.15
N ALA A 151 6.67 9.37 2.31
CA ALA A 151 7.08 10.24 3.42
C ALA A 151 6.37 11.63 3.45
N PRO A 152 6.32 12.35 2.34
CA PRO A 152 5.64 13.66 2.46
C PRO A 152 4.15 13.50 2.83
N GLU A 153 3.51 12.46 2.34
CA GLU A 153 2.14 12.25 2.77
C GLU A 153 2.00 11.88 4.22
N LEU A 154 3.01 11.19 4.81
CA LEU A 154 2.94 10.95 6.26
C LEU A 154 2.97 12.27 7.08
N LEU A 155 3.81 13.21 6.65
CA LEU A 155 3.83 14.62 7.23
C LEU A 155 2.47 15.25 7.16
N TYR A 156 1.86 15.15 5.97
CA TYR A 156 0.48 15.63 5.73
C TYR A 156 -0.51 14.98 6.73
N TYR A 157 -0.47 13.65 6.90
CA TYR A 157 -1.34 13.00 7.92
C TYR A 157 -1.13 13.54 9.34
N ALA A 158 0.12 13.80 9.72
CA ALA A 158 0.45 14.34 11.05
C ALA A 158 -0.28 15.72 11.23
N GLN A 159 -0.26 16.54 10.18
CA GLN A 159 -0.98 17.82 10.24
C GLN A 159 -2.46 17.60 10.34
N LYS A 160 -3.01 16.69 9.50
CA LYS A 160 -4.42 16.35 9.64
C LYS A 160 -4.84 15.85 11.03
N TYR A 161 -4.00 15.04 11.65
CA TYR A 161 -4.22 14.51 12.97
C TYR A 161 -4.28 15.66 13.95
N LYS A 162 -3.39 16.63 13.76
CA LYS A 162 -3.27 17.72 14.69
C LYS A 162 -4.56 18.55 14.63
N ALA A 163 -5.18 18.66 13.45
CA ALA A 163 -6.41 19.43 13.26
C ALA A 163 -7.60 18.75 13.97
N ILE A 164 -7.76 17.47 13.71
CA ILE A 164 -8.72 16.69 14.49
C ILE A 164 -8.51 16.92 15.99
N LEU A 165 -7.28 16.79 16.51
CA LEU A 165 -7.06 16.98 17.96
C LEU A 165 -7.43 18.36 18.52
N THR A 166 -7.11 19.39 17.75
CA THR A 166 -7.33 20.79 18.06
C THR A 166 -8.84 21.07 18.16
N GLU A 167 -9.61 20.45 17.27
CA GLU A 167 -11.03 20.60 17.20
C GLU A 167 -11.75 19.81 18.27
N CYS A 168 -11.36 18.55 18.45
CA CYS A 168 -12.04 17.67 19.38
C CYS A 168 -11.66 17.82 20.86
N CYS A 169 -10.42 18.27 21.13
CA CYS A 169 -9.89 18.24 22.48
C CYS A 169 -10.43 19.31 23.43
N GLU A 170 -11.19 20.26 22.88
CA GLU A 170 -11.91 21.27 23.69
C GLU A 170 -13.40 20.92 23.96
N ALA A 171 -13.94 19.95 23.22
CA ALA A 171 -15.35 19.61 23.18
C ALA A 171 -15.88 19.00 24.48
N ALA A 172 -17.20 19.13 24.65
CA ALA A 172 -17.89 18.64 25.84
C ALA A 172 -17.62 17.16 25.99
N ASP A 173 -17.86 16.42 24.87
CA ASP A 173 -17.51 15.01 24.76
C ASP A 173 -16.43 14.99 23.72
N LYS A 174 -15.23 14.57 24.14
CA LYS A 174 -14.03 14.53 23.28
C LYS A 174 -14.15 13.28 22.42
N GLY A 175 -14.24 12.12 23.08
CA GLY A 175 -14.39 10.81 22.43
C GLY A 175 -15.31 10.74 21.21
N ALA A 176 -16.52 11.28 21.33
CA ALA A 176 -17.52 11.15 20.24
C ALA A 176 -17.24 12.09 19.06
N CYS A 177 -16.62 13.24 19.33
CA CYS A 177 -16.13 14.09 18.27
C CYS A 177 -14.93 13.36 17.59
N LEU A 178 -14.01 12.87 18.43
CA LEU A 178 -12.73 12.36 17.99
C LEU A 178 -12.84 11.06 17.22
N THR A 179 -13.61 10.10 17.74
CA THR A 179 -13.54 8.70 17.29
C THR A 179 -13.93 8.42 15.83
N PRO A 180 -15.13 8.81 15.39
CA PRO A 180 -15.34 8.67 13.95
C PRO A 180 -14.19 9.28 13.15
N LYS A 181 -13.71 10.44 13.56
CA LYS A 181 -12.71 11.21 12.77
C LYS A 181 -11.26 10.69 12.70
N LEU A 182 -10.74 10.18 13.81
CA LEU A 182 -9.49 9.48 13.84
C LEU A 182 -9.65 8.19 13.01
N ASP A 183 -10.83 7.55 13.12
CA ASP A 183 -11.10 6.32 12.37
C ASP A 183 -11.07 6.55 10.90
N ALA A 184 -11.74 7.59 10.42
CA ALA A 184 -11.69 7.87 8.99
C ALA A 184 -10.28 8.21 8.54
N LEU A 185 -9.54 8.98 9.34
CA LEU A 185 -8.17 9.30 8.99
C LEU A 185 -7.26 8.06 8.92
N LYS A 186 -7.39 7.17 9.88
CA LYS A 186 -6.64 5.92 9.88
C LYS A 186 -6.92 5.12 8.57
N GLU A 187 -8.20 5.03 8.19
CA GLU A 187 -8.51 4.27 6.95
C GLU A 187 -7.87 4.92 5.69
N LYS A 188 -7.99 6.24 5.54
CA LYS A 188 -7.33 6.89 4.40
C LYS A 188 -5.81 6.66 4.42
N ALA A 189 -5.20 6.68 5.59
CA ALA A 189 -3.73 6.56 5.62
C ALA A 189 -3.33 5.09 5.35
N LEU A 190 -4.17 4.12 5.79
CA LEU A 190 -3.88 2.72 5.43
C LEU A 190 -4.02 2.51 3.93
N ILE A 191 -4.99 3.15 3.31
CA ILE A 191 -5.11 2.98 1.86
C ILE A 191 -3.86 3.63 1.21
N SER A 192 -3.44 4.80 1.73
CA SER A 192 -2.25 5.47 1.18
C SER A 192 -0.99 4.57 1.27
N ALA A 193 -0.78 3.97 2.42
CA ALA A 193 0.39 3.09 2.65
C ALA A 193 0.30 1.93 1.65
N ALA A 194 -0.89 1.39 1.46
CA ALA A 194 -1.02 0.25 0.51
C ALA A 194 -0.76 0.66 -0.97
N GLN A 195 -1.34 1.78 -1.39
CA GLN A 195 -1.04 2.39 -2.71
C GLN A 195 0.46 2.62 -2.89
N GLU A 196 1.12 3.26 -1.91
CA GLU A 196 2.57 3.50 -2.05
C GLU A 196 3.36 2.15 -2.09
N ARG A 197 2.92 1.15 -1.33
CA ARG A 197 3.74 -0.11 -1.24
C ARG A 197 3.68 -0.74 -2.64
N LEU A 198 2.57 -0.57 -3.36
CA LEU A 198 2.47 -1.06 -4.74
C LEU A 198 3.34 -0.30 -5.76
N ARG A 199 3.41 1.04 -5.61
CA ARG A 199 4.36 1.77 -6.39
C ARG A 199 5.78 1.26 -6.10
N CYS A 200 6.17 1.10 -4.83
CA CYS A 200 7.54 0.67 -4.56
C CYS A 200 7.81 -0.74 -5.08
N ALA A 201 6.85 -1.64 -4.89
CA ALA A 201 7.07 -2.98 -5.42
C ALA A 201 7.17 -2.96 -6.97
N SER A 202 6.37 -2.13 -7.64
CA SER A 202 6.37 -2.09 -9.12
C SER A 202 7.75 -1.65 -9.56
N ILE A 203 8.31 -0.59 -8.93
CA ILE A 203 9.63 -0.09 -9.29
C ILE A 203 10.70 -1.18 -8.97
N GLN A 204 10.70 -1.66 -7.71
CA GLN A 204 11.73 -2.58 -7.22
C GLN A 204 11.73 -3.94 -7.95
N LYS A 205 10.56 -4.49 -8.28
CA LYS A 205 10.50 -5.88 -8.70
C LYS A 205 10.30 -5.99 -10.22
N PHE A 206 9.67 -4.99 -10.79
CA PHE A 206 9.40 -4.98 -12.24
C PHE A 206 10.07 -3.90 -13.00
N GLY A 207 10.74 -2.95 -12.34
CA GLY A 207 11.61 -1.92 -13.01
C GLY A 207 10.86 -0.63 -13.18
N ASP A 208 11.63 0.47 -13.37
CA ASP A 208 11.02 1.84 -13.45
C ASP A 208 9.90 1.87 -14.47
N ARG A 209 10.06 1.16 -15.59
CA ARG A 209 9.06 1.14 -16.69
C ARG A 209 7.67 0.71 -16.20
N ALA A 210 7.61 -0.19 -15.21
CA ALA A 210 6.30 -0.71 -14.76
C ALA A 210 5.53 0.40 -14.08
N TYR A 211 6.20 1.17 -13.19
CA TYR A 211 5.56 2.31 -12.58
C TYR A 211 5.34 3.43 -13.60
N LYS A 212 6.31 3.71 -14.48
CA LYS A 212 6.07 4.79 -15.48
C LYS A 212 4.76 4.51 -16.27
N ALA A 213 4.52 3.30 -16.72
CA ALA A 213 3.29 2.98 -17.47
C ALA A 213 2.03 3.14 -16.68
N TRP A 214 2.04 2.61 -15.44
CA TRP A 214 0.96 2.87 -14.47
C TRP A 214 0.73 4.37 -14.27
N ALA A 215 1.76 5.18 -13.98
CA ALA A 215 1.60 6.65 -13.80
C ALA A 215 1.04 7.33 -15.11
N LEU A 216 1.59 6.92 -16.26
CA LEU A 216 1.07 7.42 -17.59
C LEU A 216 -0.44 7.22 -17.74
N VAL A 217 -0.91 5.99 -17.45
CA VAL A 217 -2.32 5.73 -17.48
C VAL A 217 -3.09 6.67 -16.53
N ARG A 218 -2.70 6.72 -15.27
CA ARG A 218 -3.52 7.41 -14.26
C ARG A 218 -3.62 8.92 -14.53
N LEU A 219 -2.46 9.50 -14.86
CA LEU A 219 -2.31 10.92 -15.08
C LEU A 219 -3.04 11.38 -16.37
N SER A 220 -3.13 10.46 -17.33
CA SER A 220 -3.81 10.73 -18.60
C SER A 220 -5.34 10.72 -18.37
N GLN A 221 -5.83 9.91 -17.44
CA GLN A 221 -7.22 10.01 -16.98
C GLN A 221 -7.52 11.26 -16.17
N ARG A 222 -6.56 11.69 -15.34
CA ARG A 222 -6.72 12.86 -14.42
C ARG A 222 -6.65 14.17 -15.22
N PHE A 223 -5.69 14.20 -16.13
CA PHE A 223 -5.44 15.43 -16.85
C PHE A 223 -5.60 15.21 -18.34
N PRO A 224 -6.80 14.76 -18.81
CA PRO A 224 -6.85 14.43 -20.23
C PRO A 224 -6.71 15.57 -21.25
N LYS A 225 -6.82 16.83 -20.83
CA LYS A 225 -6.64 17.93 -21.77
C LYS A 225 -5.18 18.22 -21.99
N ALA A 226 -4.30 17.75 -21.08
CA ALA A 226 -2.85 18.00 -21.21
C ALA A 226 -2.30 17.19 -22.36
N ASP A 227 -1.33 17.76 -23.07
CA ASP A 227 -0.71 17.09 -24.15
C ASP A 227 0.29 16.02 -23.65
N PHE A 228 0.68 15.16 -24.58
CA PHE A 228 1.43 13.93 -24.25
C PHE A 228 2.80 14.24 -23.66
N THR A 229 3.40 15.26 -24.22
CA THR A 229 4.62 15.82 -23.75
C THR A 229 4.64 16.22 -22.25
N ASP A 230 3.60 16.97 -21.84
CA ASP A 230 3.48 17.45 -20.48
C ASP A 230 3.18 16.29 -19.49
N ILE A 231 2.26 15.42 -19.89
CA ILE A 231 1.97 14.21 -19.17
C ILE A 231 3.28 13.40 -18.99
N SER A 232 4.07 13.24 -20.07
CA SER A 232 5.30 12.45 -20.00
C SER A 232 6.29 13.05 -19.04
N LYS A 233 6.36 14.36 -19.02
CA LYS A 233 7.26 15.12 -18.17
C LYS A 233 6.89 14.92 -16.71
N ILE A 234 5.58 15.02 -16.42
CA ILE A 234 5.08 14.73 -15.05
C ILE A 234 5.42 13.29 -14.60
N VAL A 235 5.19 12.32 -15.50
CA VAL A 235 5.46 10.93 -15.19
C VAL A 235 6.96 10.75 -14.88
N THR A 236 7.82 11.39 -15.68
CA THR A 236 9.19 11.34 -15.45
C THR A 236 9.60 11.84 -14.04
N ASP A 237 9.08 13.01 -13.67
CA ASP A 237 9.37 13.66 -12.43
C ASP A 237 8.78 12.82 -11.25
N LEU A 238 7.57 12.29 -11.43
CA LEU A 238 6.92 11.47 -10.39
C LEU A 238 7.63 10.18 -10.20
N THR A 239 8.16 9.62 -11.28
CA THR A 239 9.03 8.42 -11.21
C THR A 239 10.27 8.64 -10.35
N LYS A 240 10.93 9.76 -10.59
CA LYS A 240 12.11 10.08 -9.78
C LYS A 240 11.75 10.23 -8.27
N VAL A 241 10.67 10.95 -8.03
CA VAL A 241 10.07 11.15 -6.68
C VAL A 241 9.83 9.80 -5.94
N HIS A 242 9.10 8.89 -6.59
CA HIS A 242 8.82 7.58 -5.97
C HIS A 242 10.00 6.61 -5.88
N LYS A 243 10.88 6.63 -6.87
CA LYS A 243 12.09 5.88 -6.72
C LYS A 243 12.89 6.34 -5.48
N GLU A 244 13.04 7.67 -5.30
CA GLU A 244 13.78 8.20 -4.15
C GLU A 244 13.08 7.83 -2.82
N CYS A 245 11.80 8.13 -2.70
CA CYS A 245 11.01 7.76 -1.52
C CYS A 245 11.08 6.26 -1.20
N CYS A 246 10.84 5.44 -2.23
CA CYS A 246 10.79 3.98 -2.02
C CYS A 246 12.18 3.47 -1.66
N HIS A 247 13.24 4.25 -1.89
CA HIS A 247 14.58 3.74 -1.62
C HIS A 247 15.11 4.44 -0.38
N GLY A 248 14.26 5.21 0.33
CA GLY A 248 14.69 5.81 1.63
C GLY A 248 15.42 7.13 1.47
N ASP A 249 15.44 7.70 0.27
CA ASP A 249 16.03 9.02 0.10
C ASP A 249 14.95 10.05 0.31
N LEU A 250 14.50 10.23 1.57
CA LEU A 250 13.25 10.94 1.79
C LEU A 250 13.37 12.46 1.67
N LEU A 251 14.51 13.02 2.09
CA LEU A 251 14.69 14.47 1.92
C LEU A 251 14.60 14.84 0.45
N GLU A 252 15.32 14.10 -0.39
CA GLU A 252 15.28 14.33 -1.87
C GLU A 252 13.89 14.09 -2.45
N CYS A 253 13.27 12.97 -2.07
CA CYS A 253 11.88 12.75 -2.42
C CYS A 253 10.96 13.93 -2.09
N ALA A 254 11.00 14.45 -0.86
CA ALA A 254 10.11 15.53 -0.45
C ALA A 254 10.42 16.85 -1.21
N ASP A 255 11.70 17.13 -1.38
CA ASP A 255 12.15 18.33 -2.13
C ASP A 255 11.63 18.26 -3.57
N ASP A 256 11.83 17.08 -4.21
CA ASP A 256 11.52 16.88 -5.61
C ASP A 256 10.02 16.90 -5.81
N ARG A 257 9.28 16.36 -4.83
CA ARG A 257 7.81 16.39 -4.92
C ARG A 257 7.30 17.82 -4.85
N ALA A 258 7.88 18.60 -3.92
CA ALA A 258 7.49 20.04 -3.78
C ALA A 258 7.73 20.81 -5.07
N ASP A 259 8.87 20.55 -5.67
CA ASP A 259 9.26 21.14 -7.00
C ASP A 259 8.32 20.70 -8.05
N LEU A 260 7.91 19.43 -8.04
CA LEU A 260 6.87 18.99 -9.01
C LEU A 260 5.50 19.72 -8.79
N ALA A 261 5.04 19.86 -7.53
CA ALA A 261 3.80 20.59 -7.26
C ALA A 261 3.97 22.03 -7.72
N LYS A 262 5.11 22.65 -7.43
CA LYS A 262 5.30 24.05 -7.87
C LYS A 262 5.15 24.12 -9.40
N TYR A 263 5.82 23.20 -10.11
CA TYR A 263 5.77 23.14 -11.60
C TYR A 263 4.37 23.03 -12.12
N MET A 264 3.63 22.08 -11.59
CA MET A 264 2.28 21.79 -12.10
C MET A 264 1.41 23.01 -11.91
N CYS A 265 1.59 23.71 -10.79
CA CYS A 265 0.76 24.85 -10.46
C CYS A 265 1.10 26.08 -11.35
N GLU A 266 2.37 26.20 -11.73
CA GLU A 266 2.80 27.22 -12.68
C GLU A 266 2.38 26.91 -14.11
N HIS A 267 2.01 25.67 -14.39
CA HIS A 267 1.57 25.32 -15.74
C HIS A 267 0.11 24.92 -15.82
N GLN A 268 -0.65 25.33 -14.81
CA GLN A 268 -1.98 24.73 -14.57
C GLN A 268 -2.91 25.00 -15.76
N GLU A 269 -2.69 26.14 -16.42
CA GLU A 269 -3.40 26.49 -17.66
C GLU A 269 -3.44 25.45 -18.77
N THR A 270 -2.34 24.73 -18.94
CA THR A 270 -2.29 23.70 -19.92
C THR A 270 -2.35 22.29 -19.33
N ILE A 271 -2.72 22.12 -18.06
CA ILE A 271 -2.84 20.77 -17.51
C ILE A 271 -4.29 20.50 -17.12
N SER A 272 -4.87 21.37 -16.28
CA SER A 272 -6.22 21.18 -15.76
C SER A 272 -6.66 22.44 -15.09
N SER A 273 -7.88 22.84 -15.43
CA SER A 273 -8.55 23.94 -14.74
C SER A 273 -8.86 23.56 -13.31
N HIS A 274 -8.90 22.25 -12.99
CA HIS A 274 -9.16 21.77 -11.63
C HIS A 274 -8.00 22.05 -10.66
N LEU A 275 -6.81 22.35 -11.20
CA LEU A 275 -5.66 22.60 -10.34
C LEU A 275 -5.79 23.91 -9.48
N LYS A 276 -6.63 24.85 -9.90
CA LYS A 276 -6.77 26.09 -9.14
C LYS A 276 -7.06 25.82 -7.67
N GLU A 277 -7.98 24.87 -7.40
CA GLU A 277 -8.28 24.47 -5.99
C GLU A 277 -7.00 24.20 -5.19
N CYS A 278 -6.05 23.49 -5.81
CA CYS A 278 -4.92 23.00 -5.04
C CYS A 278 -3.87 24.09 -4.94
N CYS A 279 -3.79 24.91 -5.99
CA CYS A 279 -2.62 25.70 -6.19
C CYS A 279 -2.52 26.89 -5.23
N ASP A 280 -3.67 27.22 -4.62
CA ASP A 280 -3.78 28.28 -3.62
C ASP A 280 -3.47 27.82 -2.19
N LYS A 281 -3.36 26.52 -2.00
CA LYS A 281 -3.17 25.90 -0.67
C LYS A 281 -1.70 25.89 -0.20
N PRO A 282 -1.44 25.76 1.13
CA PRO A 282 -0.04 25.57 1.54
C PRO A 282 0.61 24.25 1.09
N ILE A 283 1.94 24.12 1.22
CA ILE A 283 2.74 23.07 0.60
C ILE A 283 2.22 21.60 0.72
N LEU A 284 2.09 21.06 1.92
CA LEU A 284 1.62 19.63 2.01
C LEU A 284 0.17 19.48 1.53
N GLU A 285 -0.72 20.43 1.88
CA GLU A 285 -2.09 20.36 1.41
CA GLU A 285 -2.11 20.37 1.41
C GLU A 285 -2.15 20.46 -0.11
N LYS A 286 -1.32 21.34 -0.67
CA LYS A 286 -1.25 21.52 -2.12
C LYS A 286 -0.89 20.23 -2.84
N ALA A 287 0.21 19.58 -2.44
CA ALA A 287 0.60 18.33 -3.08
C ALA A 287 -0.41 17.20 -2.85
N HIS A 288 -1.00 17.17 -1.66
CA HIS A 288 -1.97 16.09 -1.32
C HIS A 288 -3.17 16.22 -2.19
N CYS A 289 -3.65 17.47 -2.35
CA CYS A 289 -4.74 17.81 -3.27
C CYS A 289 -4.45 17.36 -4.67
N ILE A 290 -3.26 17.68 -5.19
CA ILE A 290 -2.87 17.30 -6.54
C ILE A 290 -2.83 15.76 -6.66
N TYR A 291 -2.16 15.12 -5.70
CA TYR A 291 -2.07 13.64 -5.59
C TYR A 291 -3.43 12.89 -5.82
N GLY A 292 -4.56 13.44 -5.38
CA GLY A 292 -5.81 12.71 -5.55
C GLY A 292 -6.90 13.52 -6.21
N LEU A 293 -6.51 14.44 -7.12
CA LEU A 293 -7.48 15.35 -7.71
C LEU A 293 -8.48 14.59 -8.57
N HIS A 294 -9.76 14.96 -8.54
CA HIS A 294 -10.78 14.38 -9.45
C HIS A 294 -10.43 14.61 -10.94
N ASN A 295 -10.84 13.69 -11.80
CA ASN A 295 -10.51 13.74 -13.24
C ASN A 295 -11.10 14.99 -13.90
N ASP A 296 -10.35 15.63 -14.79
CA ASP A 296 -10.86 16.72 -15.59
C ASP A 296 -11.79 16.05 -16.59
N GLU A 297 -12.65 16.84 -17.22
CA GLU A 297 -13.52 16.31 -18.27
C GLU A 297 -12.69 16.05 -19.53
N THR A 298 -13.09 15.03 -20.30
CA THR A 298 -12.49 14.74 -21.60
C THR A 298 -12.71 15.95 -22.48
N PRO A 299 -11.67 16.42 -23.20
CA PRO A 299 -11.84 17.43 -24.25
C PRO A 299 -12.84 16.93 -25.31
N ALA A 300 -13.80 17.79 -25.71
CA ALA A 300 -14.64 17.52 -26.89
C ALA A 300 -13.80 17.35 -28.17
N GLY A 301 -14.33 16.55 -29.10
CA GLY A 301 -13.86 16.56 -30.47
C GLY A 301 -12.51 15.94 -30.73
N LEU A 302 -12.17 14.91 -29.95
CA LEU A 302 -10.97 14.11 -30.22
C LEU A 302 -11.23 13.06 -31.28
N PRO A 303 -10.20 12.69 -32.08
CA PRO A 303 -10.53 11.76 -33.18
C PRO A 303 -10.81 10.38 -32.67
N ALA A 304 -11.37 9.51 -33.51
CA ALA A 304 -11.56 8.11 -33.13
C ALA A 304 -10.19 7.47 -32.93
N VAL A 305 -10.03 6.74 -31.83
CA VAL A 305 -8.70 6.16 -31.51
C VAL A 305 -8.17 5.18 -32.62
N ALA A 306 -9.09 4.41 -33.26
CA ALA A 306 -8.70 3.63 -34.46
C ALA A 306 -7.98 4.40 -35.61
N GLU A 307 -8.15 5.72 -35.73
CA GLU A 307 -7.40 6.45 -36.79
C GLU A 307 -5.87 6.26 -36.58
N GLU A 308 -5.36 6.62 -35.38
CA GLU A 308 -3.92 6.71 -35.13
C GLU A 308 -3.37 5.31 -34.89
N PHE A 309 -4.15 4.44 -34.28
CA PHE A 309 -3.75 3.10 -33.81
C PHE A 309 -4.14 1.88 -34.61
N VAL A 310 -4.99 2.07 -35.62
CA VAL A 310 -5.38 0.91 -36.47
C VAL A 310 -5.29 1.30 -37.97
N GLU A 311 -5.91 2.41 -38.34
CA GLU A 311 -5.98 2.75 -39.74
C GLU A 311 -4.70 3.39 -40.26
N ASP A 312 -3.87 4.00 -39.39
CA ASP A 312 -2.65 4.63 -39.91
C ASP A 312 -1.78 3.56 -40.64
N LYS A 313 -1.37 3.85 -41.90
CA LYS A 313 -0.47 2.95 -42.63
C LYS A 313 0.81 2.67 -41.84
N ASP A 314 1.19 3.60 -40.96
CA ASP A 314 2.47 3.52 -40.27
C ASP A 314 2.41 2.86 -38.89
N VAL A 315 1.33 2.16 -38.56
CA VAL A 315 1.22 1.47 -37.27
C VAL A 315 2.44 0.57 -37.00
N CYS A 316 2.74 -0.36 -37.91
CA CYS A 316 3.94 -1.21 -37.82
C CYS A 316 5.24 -0.44 -37.78
N LYS A 317 5.47 0.48 -38.74
CA LYS A 317 6.64 1.37 -38.71
C LYS A 317 6.85 2.08 -37.35
N ASN A 318 5.78 2.63 -36.75
CA ASN A 318 5.96 3.36 -35.52
C ASN A 318 6.26 2.44 -34.33
N TYR A 319 5.57 1.32 -34.30
CA TYR A 319 5.78 0.30 -33.31
C TYR A 319 7.24 -0.25 -33.38
N GLU A 320 7.77 -0.42 -34.58
CA GLU A 320 9.09 -0.99 -34.78
C GLU A 320 10.17 0.07 -34.62
N GLU A 321 9.89 1.27 -35.08
CA GLU A 321 10.96 2.28 -35.00
C GLU A 321 11.03 3.09 -33.70
N ALA A 322 9.91 3.23 -32.97
CA ALA A 322 9.89 4.00 -31.70
C ALA A 322 8.88 3.38 -30.73
N LYS A 323 9.20 2.19 -30.23
CA LYS A 323 8.13 1.39 -29.63
C LYS A 323 7.54 2.07 -28.38
N ASP A 324 8.40 2.59 -27.52
CA ASP A 324 7.96 3.11 -26.20
C ASP A 324 7.20 4.40 -26.41
N LEU A 325 7.62 5.15 -27.42
CA LEU A 325 6.95 6.40 -27.76
C LEU A 325 5.54 6.12 -28.34
N PHE A 326 5.45 5.11 -29.21
CA PHE A 326 4.22 4.76 -29.84
C PHE A 326 3.27 4.10 -28.81
N LEU A 327 3.73 3.12 -28.04
CA LEU A 327 2.87 2.45 -27.06
C LEU A 327 2.52 3.36 -25.94
N GLY A 328 3.44 4.23 -25.53
CA GLY A 328 3.07 5.26 -24.52
C GLY A 328 2.03 6.22 -25.05
N LYS A 329 2.12 6.59 -26.35
CA LYS A 329 1.05 7.41 -26.91
C LYS A 329 -0.27 6.67 -26.93
N PHE A 330 -0.25 5.39 -27.34
CA PHE A 330 -1.44 4.56 -27.20
C PHE A 330 -2.04 4.60 -25.75
N LEU A 331 -1.21 4.37 -24.74
CA LEU A 331 -1.77 4.35 -23.35
C LEU A 331 -2.44 5.73 -23.02
N TYR A 332 -1.79 6.80 -23.45
CA TYR A 332 -2.23 8.17 -23.21
C TYR A 332 -3.55 8.42 -23.92
N GLU A 333 -3.63 8.02 -25.20
CA GLU A 333 -4.80 8.38 -25.98
C GLU A 333 -5.95 7.57 -25.51
N TYR A 334 -5.70 6.30 -25.27
CA TYR A 334 -6.76 5.38 -24.88
C TYR A 334 -7.26 5.67 -23.48
N SER A 335 -6.30 5.97 -22.55
CA SER A 335 -6.65 6.25 -21.13
C SER A 335 -7.40 7.55 -20.96
N ARG A 336 -7.01 8.60 -21.71
CA ARG A 336 -7.71 9.88 -21.56
C ARG A 336 -9.16 9.83 -22.03
N ARG A 337 -9.48 8.83 -22.86
CA ARG A 337 -10.77 8.62 -23.40
C ARG A 337 -11.58 7.70 -22.52
N HIS A 338 -10.95 7.12 -21.52
CA HIS A 338 -11.64 6.15 -20.65
C HIS A 338 -11.35 6.39 -19.15
N PRO A 339 -11.80 7.54 -18.58
CA PRO A 339 -11.62 7.77 -17.12
C PRO A 339 -12.37 6.74 -16.25
N ASP A 340 -13.32 6.06 -16.83
CA ASP A 340 -14.18 5.09 -16.11
C ASP A 340 -13.55 3.71 -16.02
N TYR A 341 -12.34 3.54 -16.53
CA TYR A 341 -11.72 2.21 -16.50
C TYR A 341 -10.73 2.19 -15.32
N SER A 342 -10.39 1.00 -14.82
CA SER A 342 -9.37 0.85 -13.76
C SER A 342 -8.04 0.97 -14.50
N VAL A 343 -7.03 1.45 -13.79
CA VAL A 343 -5.66 1.52 -14.36
C VAL A 343 -5.17 0.15 -14.83
N VAL A 344 -5.41 -0.87 -14.04
CA VAL A 344 -4.91 -2.19 -14.38
C VAL A 344 -5.57 -2.70 -15.66
N LEU A 345 -6.88 -2.49 -15.78
CA LEU A 345 -7.59 -2.83 -17.07
C LEU A 345 -6.93 -2.10 -18.24
N LEU A 346 -6.76 -0.79 -18.13
CA LEU A 346 -6.08 -0.06 -19.24
C LEU A 346 -4.68 -0.57 -19.60
N LEU A 347 -3.87 -0.87 -18.57
CA LEU A 347 -2.61 -1.57 -18.81
C LEU A 347 -2.77 -2.92 -19.49
N ARG A 348 -3.80 -3.71 -19.11
CA ARG A 348 -3.95 -5.04 -19.75
C ARG A 348 -4.35 -4.86 -21.21
N LEU A 349 -5.10 -3.80 -21.48
CA LEU A 349 -5.51 -3.47 -22.87
C LEU A 349 -4.32 -3.02 -23.66
N GLY A 350 -3.47 -2.19 -23.07
CA GLY A 350 -2.18 -1.84 -23.69
C GLY A 350 -1.29 -3.06 -24.02
N LYS A 351 -1.24 -4.06 -23.11
CA LYS A 351 -0.47 -5.29 -23.31
C LYS A 351 -1.01 -6.14 -24.46
N ALA A 352 -2.33 -6.17 -24.57
CA ALA A 352 -2.94 -6.98 -25.62
C ALA A 352 -2.73 -6.27 -26.96
N TYR A 353 -2.79 -4.92 -27.00
CA TYR A 353 -2.52 -4.14 -28.26
C TYR A 353 -1.07 -4.41 -28.74
N GLU A 354 -0.10 -4.23 -27.86
CA GLU A 354 1.30 -4.62 -28.09
C GLU A 354 1.48 -6.05 -28.65
N ALA A 355 0.89 -7.06 -28.01
CA ALA A 355 1.03 -8.48 -28.40
C ALA A 355 0.43 -8.68 -29.78
N THR A 356 -0.63 -7.94 -30.07
CA THR A 356 -1.22 -8.06 -31.43
C THR A 356 -0.31 -7.40 -32.48
N LEU A 357 0.26 -6.24 -32.19
CA LEU A 357 1.29 -5.71 -33.10
C LEU A 357 2.50 -6.66 -33.26
N LYS A 358 3.03 -7.21 -32.17
CA LYS A 358 4.21 -8.09 -32.27
CA LYS A 358 4.20 -8.08 -32.25
C LYS A 358 3.92 -9.20 -33.25
N LYS A 359 2.75 -9.83 -33.12
CA LYS A 359 2.38 -10.95 -34.01
C LYS A 359 2.07 -10.44 -35.42
N CYS A 360 1.25 -9.37 -35.53
CA CYS A 360 0.71 -8.95 -36.86
C CYS A 360 1.70 -8.22 -37.74
N CYS A 361 2.61 -7.46 -37.12
CA CYS A 361 3.60 -6.75 -37.91
C CYS A 361 4.64 -7.70 -38.49
N ALA A 362 4.67 -8.94 -38.02
CA ALA A 362 5.58 -9.95 -38.57
C ALA A 362 4.95 -10.72 -39.73
N THR A 363 3.66 -10.51 -40.01
CA THR A 363 2.97 -11.16 -41.17
C THR A 363 3.10 -10.34 -42.46
N ASP A 364 2.65 -10.94 -43.59
CA ASP A 364 2.61 -10.36 -44.95
CA ASP A 364 2.71 -10.25 -44.89
C ASP A 364 1.59 -9.20 -45.15
N ASP A 365 0.59 -9.16 -44.26
CA ASP A 365 -0.52 -8.18 -44.38
C ASP A 365 -0.89 -7.77 -42.94
N PRO A 366 -0.19 -6.72 -42.37
CA PRO A 366 -0.41 -6.53 -40.92
C PRO A 366 -1.79 -5.96 -40.62
N HIS A 367 -2.25 -5.02 -41.46
CA HIS A 367 -3.59 -4.42 -41.25
C HIS A 367 -4.64 -5.48 -41.23
N ALA A 368 -4.62 -6.41 -42.17
CA ALA A 368 -5.61 -7.51 -42.15
C ALA A 368 -5.60 -8.19 -40.79
N CYS A 369 -4.39 -8.34 -40.24
CA CYS A 369 -4.14 -9.11 -39.00
C CYS A 369 -4.61 -8.30 -37.78
N TYR A 370 -4.29 -7.01 -37.68
CA TYR A 370 -4.69 -6.29 -36.48
C TYR A 370 -5.99 -5.44 -36.64
N ALA A 371 -6.70 -5.58 -37.77
CA ALA A 371 -7.89 -4.70 -38.05
C ALA A 371 -8.91 -4.67 -36.89
N LYS A 372 -9.15 -5.85 -36.31
CA LYS A 372 -10.11 -6.08 -35.20
C LYS A 372 -9.52 -5.85 -33.75
N VAL A 373 -8.29 -5.29 -33.67
CA VAL A 373 -7.57 -5.14 -32.36
C VAL A 373 -8.40 -4.41 -31.28
N LEU A 374 -8.85 -3.19 -31.59
CA LEU A 374 -9.65 -2.42 -30.62
C LEU A 374 -10.97 -3.09 -30.22
N ASP A 375 -11.63 -3.82 -31.15
CA ASP A 375 -12.80 -4.66 -30.81
C ASP A 375 -12.50 -5.81 -29.89
N GLU A 376 -11.31 -6.34 -30.01
CA GLU A 376 -10.94 -7.56 -29.30
C GLU A 376 -10.68 -7.28 -27.78
N PHE A 377 -10.75 -5.99 -27.41
CA PHE A 377 -10.70 -5.47 -25.99
C PHE A 377 -11.98 -5.74 -25.20
N GLN A 378 -13.11 -5.86 -25.92
CA GLN A 378 -14.41 -5.96 -25.26
C GLN A 378 -14.48 -7.13 -24.29
N PRO A 379 -14.06 -8.36 -24.72
CA PRO A 379 -14.00 -9.53 -23.81
C PRO A 379 -13.09 -9.34 -22.61
N LEU A 380 -11.96 -8.64 -22.75
CA LEU A 380 -11.15 -8.33 -21.56
C LEU A 380 -11.87 -7.36 -20.65
N VAL A 381 -12.61 -6.41 -21.21
CA VAL A 381 -13.35 -5.41 -20.41
C VAL A 381 -14.49 -6.05 -19.62
N ASP A 382 -15.22 -6.88 -20.35
CA ASP A 382 -16.41 -7.55 -19.87
C ASP A 382 -16.08 -8.67 -18.91
N GLU A 383 -14.89 -9.27 -19.02
CA GLU A 383 -14.51 -10.48 -18.20
C GLU A 383 -14.92 -10.49 -16.71
N PRO A 384 -14.52 -9.47 -15.89
CA PRO A 384 -14.88 -9.38 -14.45
C PRO A 384 -16.38 -9.20 -14.01
N LYS A 385 -17.20 -8.66 -14.92
CA LYS A 385 -18.44 -7.99 -14.58
C LYS A 385 -19.46 -8.89 -13.90
N ASN A 386 -19.55 -10.14 -14.37
CA ASN A 386 -20.48 -11.14 -13.80
C ASN A 386 -20.02 -11.60 -12.40
N LEU A 387 -18.74 -11.93 -12.26
CA LEU A 387 -18.21 -12.31 -10.94
C LEU A 387 -18.16 -11.11 -9.98
N VAL A 388 -17.99 -9.87 -10.51
CA VAL A 388 -18.09 -8.67 -9.67
C VAL A 388 -19.54 -8.49 -9.17
N LYS A 389 -20.49 -8.56 -10.09
CA LYS A 389 -21.88 -8.43 -9.66
C LYS A 389 -22.18 -9.43 -8.60
N GLN A 390 -21.75 -10.68 -8.79
CA GLN A 390 -22.13 -11.76 -7.88
C GLN A 390 -21.47 -11.56 -6.48
N ASN A 391 -20.27 -10.97 -6.47
CA ASN A 391 -19.53 -10.74 -5.24
C ASN A 391 -20.07 -9.55 -4.49
N CYS A 392 -20.41 -8.48 -5.22
CA CYS A 392 -21.21 -7.39 -4.61
C CYS A 392 -22.56 -7.82 -4.16
N GLU A 393 -23.31 -8.61 -4.95
CA GLU A 393 -24.54 -9.24 -4.32
C GLU A 393 -24.26 -10.04 -3.06
N LEU A 394 -23.19 -10.85 -3.08
CA LEU A 394 -22.83 -11.62 -1.86
C LEU A 394 -22.58 -10.70 -0.63
N TYR A 395 -21.84 -9.64 -0.86
CA TYR A 395 -21.56 -8.63 0.14
C TYR A 395 -22.88 -7.97 0.64
N GLU A 396 -23.66 -7.49 -0.32
CA GLU A 396 -25.00 -6.86 -0.04
C GLU A 396 -25.81 -7.71 0.83
N GLN A 397 -25.84 -9.00 0.49
CA GLN A 397 -26.52 -10.00 1.25
C GLN A 397 -25.91 -10.41 2.58
N LEU A 398 -24.59 -10.67 2.59
CA LEU A 398 -23.97 -11.16 3.81
C LEU A 398 -23.58 -10.10 4.84
N GLY A 399 -23.26 -8.87 4.45
CA GLY A 399 -22.72 -7.92 5.44
C GLY A 399 -21.18 -8.09 5.59
N ASP A 400 -20.50 -7.17 6.25
CA ASP A 400 -19.03 -7.17 6.35
C ASP A 400 -18.47 -8.43 6.95
N TYR A 401 -18.98 -8.83 8.11
CA TYR A 401 -18.33 -9.82 8.90
C TYR A 401 -18.47 -11.14 8.17
N ASN A 402 -19.68 -11.46 7.72
CA ASN A 402 -19.84 -12.72 6.97
C ASN A 402 -19.24 -12.75 5.56
N PHE A 403 -19.09 -11.59 4.94
CA PHE A 403 -18.48 -11.50 3.62
C PHE A 403 -16.99 -11.79 3.80
N GLN A 404 -16.43 -11.20 4.86
CA GLN A 404 -14.99 -11.45 5.14
C GLN A 404 -14.84 -12.96 5.41
N ASN A 405 -15.73 -13.55 6.18
CA ASN A 405 -15.67 -15.01 6.44
C ASN A 405 -15.78 -15.85 5.18
N ALA A 406 -16.74 -15.52 4.29
CA ALA A 406 -16.75 -16.16 2.95
C ALA A 406 -15.40 -16.06 2.22
N LEU A 407 -14.81 -14.86 2.15
CA LEU A 407 -13.52 -14.73 1.48
C LEU A 407 -12.33 -15.45 2.16
N LEU A 408 -12.37 -15.48 3.47
CA LEU A 408 -11.36 -16.16 4.27
C LEU A 408 -11.38 -17.62 3.92
N VAL A 409 -12.58 -18.20 3.85
CA VAL A 409 -12.69 -19.56 3.48
C VAL A 409 -12.24 -19.81 2.06
N ARG A 410 -12.73 -18.95 1.13
CA ARG A 410 -12.33 -19.06 -0.24
C ARG A 410 -10.78 -18.99 -0.43
N TYR A 411 -10.16 -17.97 0.09
CA TYR A 411 -8.70 -17.80 -0.13
C TYR A 411 -7.85 -18.84 0.62
N THR A 412 -8.24 -19.22 1.81
CA THR A 412 -7.53 -20.29 2.52
C THR A 412 -7.59 -21.57 1.65
N LYS A 413 -8.77 -21.91 1.02
CA LYS A 413 -8.82 -23.14 0.21
C LYS A 413 -7.93 -22.96 -1.04
N LYS A 414 -7.80 -21.70 -1.55
CA LYS A 414 -6.94 -21.51 -2.73
C LYS A 414 -5.46 -21.69 -2.37
N VAL A 415 -4.97 -21.06 -1.28
CA VAL A 415 -3.53 -20.99 -1.01
C VAL A 415 -3.32 -21.34 0.49
N PRO A 416 -3.62 -22.60 0.86
CA PRO A 416 -3.68 -22.96 2.28
C PRO A 416 -2.33 -23.00 2.94
N GLN A 417 -1.24 -23.01 2.21
CA GLN A 417 0.09 -22.97 2.88
C GLN A 417 0.38 -21.54 3.44
N VAL A 418 -0.31 -20.52 2.93
CA VAL A 418 -0.04 -19.14 3.38
C VAL A 418 -0.25 -19.04 4.93
N SER A 419 0.59 -18.28 5.65
CA SER A 419 0.44 -18.20 7.12
C SER A 419 -0.96 -17.67 7.51
N THR A 420 -1.47 -18.20 8.62
CA THR A 420 -2.80 -17.79 9.10
C THR A 420 -2.96 -16.25 9.28
N PRO A 421 -2.00 -15.57 9.97
CA PRO A 421 -2.17 -14.10 10.09
C PRO A 421 -2.22 -13.41 8.80
N THR A 422 -1.40 -13.84 7.83
CA THR A 422 -1.52 -13.23 6.49
C THR A 422 -2.90 -13.46 5.79
N LEU A 423 -3.39 -14.69 5.83
CA LEU A 423 -4.70 -15.00 5.19
C LEU A 423 -5.78 -14.16 5.92
N VAL A 424 -5.66 -13.99 7.23
CA VAL A 424 -6.72 -13.19 7.95
C VAL A 424 -6.66 -11.73 7.52
N GLU A 425 -5.47 -11.14 7.51
CA GLU A 425 -5.30 -9.72 7.19
C GLU A 425 -5.77 -9.49 5.73
N ILE A 426 -5.34 -10.36 4.83
CA ILE A 426 -5.72 -10.28 3.41
C ILE A 426 -7.22 -10.37 3.21
N SER A 427 -7.88 -11.37 3.77
CA SER A 427 -9.30 -11.52 3.54
C SER A 427 -10.09 -10.36 4.16
N ARG A 428 -9.68 -9.90 5.35
CA ARG A 428 -10.34 -8.71 5.94
C ARG A 428 -10.22 -7.54 4.98
N SER A 429 -9.07 -7.39 4.35
CA SER A 429 -8.90 -6.20 3.47
C SER A 429 -9.68 -6.35 2.19
N LEU A 430 -9.72 -7.59 1.66
CA LEU A 430 -10.66 -7.88 0.56
C LEU A 430 -12.12 -7.59 0.91
N GLY A 431 -12.54 -7.98 2.10
CA GLY A 431 -13.83 -7.55 2.55
C GLY A 431 -14.07 -6.04 2.56
N LYS A 432 -13.06 -5.21 2.93
CA LYS A 432 -13.20 -3.72 2.86
C LYS A 432 -13.45 -3.20 1.46
N VAL A 433 -12.92 -3.90 0.46
CA VAL A 433 -13.19 -3.59 -0.95
C VAL A 433 -14.70 -3.64 -1.20
N GLY A 434 -15.36 -4.66 -0.66
CA GLY A 434 -16.83 -4.78 -0.70
C GLY A 434 -17.52 -3.54 -0.22
N SER A 435 -17.20 -3.25 1.02
CA SER A 435 -17.70 -2.08 1.70
C SER A 435 -17.43 -0.77 1.00
N LYS A 436 -16.22 -0.52 0.49
CA LYS A 436 -15.84 0.73 -0.13
C LYS A 436 -16.40 0.87 -1.56
N CYS A 437 -16.45 -0.24 -2.31
CA CYS A 437 -16.94 -0.21 -3.73
C CYS A 437 -18.38 -0.66 -4.07
N CYS A 438 -18.97 -1.65 -3.37
CA CYS A 438 -20.22 -2.24 -3.84
C CYS A 438 -21.37 -1.24 -3.84
N LYS A 439 -21.30 -0.30 -2.92
CA LYS A 439 -22.35 0.70 -2.82
C LYS A 439 -22.28 1.79 -3.89
N HIS A 440 -21.25 1.79 -4.75
CA HIS A 440 -21.33 2.69 -5.91
C HIS A 440 -22.18 2.07 -6.99
N PRO A 441 -22.79 2.92 -7.88
CA PRO A 441 -23.49 2.41 -9.07
C PRO A 441 -22.51 1.58 -9.91
N GLU A 442 -23.01 0.61 -10.68
CA GLU A 442 -22.15 -0.35 -11.37
C GLU A 442 -21.05 0.32 -12.25
N ALA A 443 -21.38 1.43 -12.93
CA ALA A 443 -20.33 2.05 -13.74
C ALA A 443 -19.09 2.50 -12.93
N GLU A 444 -19.29 2.74 -11.64
CA GLU A 444 -18.18 3.16 -10.77
C GLU A 444 -17.56 1.98 -10.05
N ARG A 445 -18.38 0.95 -9.88
CA ARG A 445 -18.11 -0.18 -9.03
C ARG A 445 -17.02 -1.06 -9.62
N LEU A 446 -17.10 -1.37 -10.92
CA LEU A 446 -16.04 -2.22 -11.52
C LEU A 446 -14.62 -1.54 -11.45
N PRO A 447 -14.48 -0.26 -11.81
CA PRO A 447 -13.09 0.33 -11.66
C PRO A 447 -12.64 0.42 -10.19
N CYS A 448 -13.57 0.63 -9.25
CA CYS A 448 -13.11 0.74 -7.84
C CYS A 448 -12.48 -0.58 -7.36
N VAL A 449 -13.19 -1.65 -7.67
CA VAL A 449 -12.85 -2.96 -7.23
C VAL A 449 -11.51 -3.44 -7.84
N GLU A 450 -11.34 -3.25 -9.12
CA GLU A 450 -10.11 -3.71 -9.85
C GLU A 450 -8.85 -3.07 -9.23
N ASP A 451 -8.85 -1.76 -9.05
CA ASP A 451 -7.60 -1.15 -8.59
C ASP A 451 -7.33 -1.33 -7.08
N TYR A 452 -8.37 -1.48 -6.26
CA TYR A 452 -8.23 -1.79 -4.85
CA TYR A 452 -8.08 -1.75 -4.86
C TYR A 452 -7.70 -3.23 -4.70
N LEU A 453 -8.21 -4.16 -5.49
CA LEU A 453 -7.71 -5.54 -5.42
C LEU A 453 -6.25 -5.50 -5.80
N SER A 454 -5.81 -4.64 -6.75
CA SER A 454 -4.38 -4.69 -7.05
C SER A 454 -3.52 -4.29 -5.80
N VAL A 455 -3.98 -3.35 -4.98
CA VAL A 455 -3.23 -2.91 -3.82
C VAL A 455 -3.26 -4.02 -2.69
N VAL A 456 -4.41 -4.65 -2.50
CA VAL A 456 -4.47 -5.75 -1.51
C VAL A 456 -3.69 -7.01 -1.95
N LEU A 457 -3.85 -7.43 -3.19
CA LEU A 457 -3.05 -8.58 -3.66
C LEU A 457 -1.53 -8.29 -3.60
N ASN A 458 -1.12 -7.02 -3.78
CA ASN A 458 0.31 -6.67 -3.61
C ASN A 458 0.73 -6.86 -2.15
N ARG A 459 -0.19 -6.57 -1.22
CA ARG A 459 0.16 -6.80 0.20
C ARG A 459 0.41 -8.26 0.41
N LEU A 460 -0.45 -9.09 -0.19
CA LEU A 460 -0.22 -10.51 -0.06
C LEU A 460 1.16 -10.88 -0.63
N CYS A 461 1.44 -10.41 -1.86
CA CYS A 461 2.74 -10.71 -2.51
C CYS A 461 3.91 -10.30 -1.64
N VAL A 462 3.86 -9.09 -1.08
CA VAL A 462 5.03 -8.67 -0.28
C VAL A 462 5.14 -9.46 1.03
N LEU A 463 4.02 -9.73 1.71
CA LEU A 463 4.05 -10.57 2.93
C LEU A 463 4.56 -11.95 2.63
N HIS A 464 4.17 -12.51 1.49
CA HIS A 464 4.60 -13.89 1.12
C HIS A 464 6.07 -13.96 0.72
N GLU A 465 6.53 -12.87 0.14
CA GLU A 465 7.93 -12.77 -0.18
C GLU A 465 8.75 -12.84 1.16
N LYS A 466 8.21 -12.29 2.26
CA LYS A 466 8.91 -12.39 3.58
C LYS A 466 8.89 -13.85 4.18
N THR A 467 7.80 -14.61 3.98
CA THR A 467 7.71 -15.98 4.56
C THR A 467 7.08 -16.92 3.45
N PRO A 468 7.91 -17.39 2.43
CA PRO A 468 7.42 -17.95 1.18
C PRO A 468 7.21 -19.44 1.12
N VAL A 469 5.98 -19.82 0.83
CA VAL A 469 5.50 -21.18 1.19
C VAL A 469 4.63 -21.81 0.13
N SER A 470 3.99 -20.96 -0.68
CA SER A 470 3.01 -21.40 -1.70
C SER A 470 3.52 -21.09 -3.09
N GLU A 471 3.72 -22.15 -3.89
CA GLU A 471 4.16 -22.05 -5.30
C GLU A 471 3.22 -21.19 -6.15
N LYS A 472 1.97 -21.33 -5.90
CA LYS A 472 0.91 -20.60 -6.59
C LYS A 472 0.94 -19.10 -6.33
N VAL A 473 1.20 -18.73 -5.09
CA VAL A 473 1.33 -17.28 -4.74
C VAL A 473 2.56 -16.77 -5.47
N THR A 474 3.66 -17.51 -5.40
CA THR A 474 4.92 -17.08 -6.04
C THR A 474 4.65 -16.81 -7.47
N LYS A 475 3.94 -17.74 -8.08
CA LYS A 475 3.74 -17.72 -9.54
C LYS A 475 2.87 -16.48 -9.89
N CYS A 476 1.72 -16.32 -9.24
CA CYS A 476 0.86 -15.19 -9.54
C CYS A 476 1.55 -13.87 -9.21
N CYS A 477 2.29 -13.84 -8.09
CA CYS A 477 3.01 -12.62 -7.74
C CYS A 477 4.14 -12.20 -8.70
N SER A 478 4.84 -13.20 -9.26
CA SER A 478 6.03 -12.92 -10.04
CA SER A 478 6.02 -12.93 -10.05
C SER A 478 5.82 -12.88 -11.54
N GLU A 479 4.73 -13.46 -12.04
CA GLU A 479 4.41 -13.60 -13.48
C GLU A 479 4.07 -12.25 -14.10
N SER A 480 3.48 -11.37 -13.32
CA SER A 480 3.05 -10.07 -13.85
C SER A 480 2.76 -9.15 -12.71
N LEU A 481 2.62 -7.91 -13.11
CA LEU A 481 1.96 -7.05 -12.20
C LEU A 481 0.48 -6.97 -12.56
N VAL A 482 0.20 -6.82 -13.84
CA VAL A 482 -1.15 -6.42 -14.22
C VAL A 482 -2.21 -7.56 -14.30
N ASP A 483 -1.74 -8.80 -14.37
CA ASP A 483 -2.63 -9.99 -14.36
C ASP A 483 -2.78 -10.67 -12.98
N ARG A 484 -2.26 -10.05 -11.95
CA ARG A 484 -2.31 -10.69 -10.61
C ARG A 484 -3.74 -11.05 -10.18
N ARG A 485 -4.67 -10.14 -10.39
CA ARG A 485 -6.07 -10.40 -9.98
C ARG A 485 -6.76 -11.55 -10.78
N PRO A 486 -6.71 -11.55 -12.17
CA PRO A 486 -7.18 -12.74 -12.92
C PRO A 486 -6.45 -14.00 -12.46
N CYS A 487 -5.15 -13.89 -12.17
CA CYS A 487 -4.38 -15.07 -11.78
C CYS A 487 -4.90 -15.70 -10.46
N PHE A 488 -5.02 -14.88 -9.41
CA PHE A 488 -5.59 -15.37 -8.17
C PHE A 488 -7.06 -15.78 -8.32
N SER A 489 -7.85 -15.01 -9.10
CA SER A 489 -9.28 -15.29 -9.22
C SER A 489 -9.48 -16.64 -9.86
N ALA A 490 -8.56 -17.01 -10.76
CA ALA A 490 -8.66 -18.29 -11.51
C ALA A 490 -8.34 -19.52 -10.65
N LEU A 491 -7.75 -19.38 -9.46
CA LEU A 491 -7.32 -20.52 -8.67
C LEU A 491 -8.53 -21.19 -8.02
N GLY A 492 -8.62 -22.48 -8.20
CA GLY A 492 -9.64 -23.23 -7.47
C GLY A 492 -9.01 -23.71 -6.19
N PRO A 493 -9.75 -24.54 -5.44
CA PRO A 493 -9.21 -25.09 -4.23
C PRO A 493 -8.00 -25.86 -4.60
N ASP A 494 -7.00 -25.80 -3.76
CA ASP A 494 -5.78 -26.50 -4.08
C ASP A 494 -6.04 -27.95 -3.67
N GLU A 495 -6.52 -28.81 -4.56
CA GLU A 495 -6.79 -30.19 -4.09
C GLU A 495 -5.55 -31.03 -3.64
N THR A 496 -4.33 -30.42 -3.68
CA THR A 496 -3.02 -31.05 -3.37
C THR A 496 -2.42 -30.90 -1.95
N TYR A 497 -2.92 -29.93 -1.20
CA TYR A 497 -2.44 -29.58 0.12
C TYR A 497 -2.84 -30.68 1.14
N VAL A 498 -1.99 -30.98 2.14
CA VAL A 498 -2.25 -32.04 3.09
C VAL A 498 -2.85 -31.41 4.29
N PRO A 499 -4.11 -31.79 4.65
CA PRO A 499 -4.79 -31.15 5.78
C PRO A 499 -4.00 -31.20 7.11
N LYS A 500 -4.13 -30.15 7.91
CA LYS A 500 -3.43 -30.13 9.20
C LYS A 500 -4.18 -31.04 10.16
N GLU A 501 -3.42 -31.90 10.85
CA GLU A 501 -4.04 -32.86 11.75
C GLU A 501 -4.02 -32.13 13.03
N PHE A 502 -5.19 -31.67 13.41
CA PHE A 502 -5.25 -30.79 14.51
C PHE A 502 -6.10 -31.22 15.65
N ASN A 503 -5.37 -31.49 16.73
CA ASN A 503 -5.79 -31.09 18.05
C ASN A 503 -5.32 -29.62 18.13
N ALA A 504 -6.19 -28.74 17.64
CA ALA A 504 -6.05 -27.29 17.82
C ALA A 504 -6.10 -26.94 19.32
N GLU A 505 -6.17 -27.97 20.16
CA GLU A 505 -6.26 -27.85 21.63
C GLU A 505 -5.14 -27.00 22.21
N THR A 506 -5.47 -26.32 23.32
CA THR A 506 -4.61 -25.30 24.00
C THR A 506 -4.11 -24.16 23.08
N PHE A 507 -4.73 -24.03 21.90
CA PHE A 507 -4.68 -22.82 21.09
C PHE A 507 -5.73 -21.85 21.66
N THR A 508 -5.63 -21.68 22.98
CA THR A 508 -6.38 -20.68 23.76
C THR A 508 -5.42 -20.10 24.85
N PHE A 509 -5.32 -18.76 24.83
CA PHE A 509 -4.18 -17.92 25.29
C PHE A 509 -4.21 -17.50 26.76
N HIS A 510 -4.79 -18.34 27.63
CA HIS A 510 -5.11 -17.99 29.02
C HIS A 510 -6.13 -16.82 29.19
N ALA A 511 -7.15 -16.80 28.30
CA ALA A 511 -8.29 -15.81 28.29
C ALA A 511 -7.85 -14.34 28.21
N ASP A 512 -6.59 -14.16 27.79
CA ASP A 512 -5.94 -12.90 27.42
C ASP A 512 -6.89 -11.93 26.72
N ILE A 513 -7.70 -12.49 25.81
CA ILE A 513 -8.59 -11.75 24.91
C ILE A 513 -9.47 -10.63 25.50
N CYS A 514 -9.67 -10.65 26.81
CA CYS A 514 -10.75 -9.80 27.33
C CYS A 514 -10.44 -8.31 27.49
N THR A 515 -9.15 -7.90 27.58
CA THR A 515 -8.80 -6.45 27.47
C THR A 515 -8.99 -5.98 26.00
N LEU A 516 -8.96 -6.95 25.07
CA LEU A 516 -9.20 -6.66 23.67
C LEU A 516 -10.68 -6.26 23.36
N PRO A 517 -10.79 -5.12 22.61
CA PRO A 517 -12.05 -4.72 21.93
C PRO A 517 -12.68 -5.86 21.07
N GLU A 518 -14.00 -5.73 20.82
CA GLU A 518 -14.75 -6.58 19.87
C GLU A 518 -14.05 -6.80 18.51
N THR A 519 -13.35 -5.76 18.06
CA THR A 519 -12.57 -5.82 16.81
C THR A 519 -11.54 -6.94 16.80
N GLU A 520 -10.77 -7.07 17.91
CA GLU A 520 -9.64 -8.02 17.94
C GLU A 520 -10.20 -9.38 18.17
N ARG A 521 -11.32 -9.42 18.90
CA ARG A 521 -12.07 -10.65 19.16
C ARG A 521 -12.52 -11.22 17.80
N LYS A 522 -13.03 -10.37 16.93
CA LYS A 522 -13.40 -10.81 15.57
C LYS A 522 -12.24 -11.40 14.81
N ILE A 523 -11.10 -10.73 14.88
CA ILE A 523 -9.84 -11.26 14.31
C ILE A 523 -9.50 -12.64 14.87
N LYS A 524 -9.80 -12.87 16.17
CA LYS A 524 -9.50 -14.14 16.73
C LYS A 524 -10.40 -15.23 16.24
N LYS A 525 -11.69 -14.92 16.08
CA LYS A 525 -12.65 -15.85 15.57
C LYS A 525 -12.29 -16.20 14.12
N GLN A 526 -11.94 -15.17 13.36
CA GLN A 526 -11.47 -15.35 11.95
C GLN A 526 -10.20 -16.18 11.86
N THR A 527 -9.32 -16.04 12.83
CA THR A 527 -8.08 -16.88 12.90
C THR A 527 -8.44 -18.33 13.10
N ALA A 528 -9.40 -18.59 14.01
CA ALA A 528 -9.87 -19.97 14.24
C ALA A 528 -10.52 -20.45 12.97
N LEU A 529 -11.30 -19.61 12.29
CA LEU A 529 -11.96 -20.10 11.04
C LEU A 529 -10.95 -20.59 10.01
N VAL A 530 -9.89 -19.77 9.82
CA VAL A 530 -8.79 -20.15 8.90
C VAL A 530 -8.22 -21.48 9.34
N GLU A 531 -7.93 -21.62 10.63
CA GLU A 531 -7.37 -22.88 11.13
C GLU A 531 -8.33 -24.08 10.92
N LEU A 532 -9.64 -23.85 11.16
CA LEU A 532 -10.67 -24.91 10.82
C LEU A 532 -10.59 -25.40 9.35
N VAL A 533 -10.46 -24.45 8.41
CA VAL A 533 -10.43 -24.78 6.95
C VAL A 533 -9.15 -25.54 6.58
N LYS A 534 -8.00 -25.14 7.17
CA LYS A 534 -6.75 -25.84 6.92
C LYS A 534 -6.83 -27.28 7.49
N HIS A 535 -7.54 -27.49 8.60
CA HIS A 535 -7.74 -28.85 9.18
C HIS A 535 -8.79 -29.65 8.34
N LYS A 536 -9.90 -28.99 7.98
CA LYS A 536 -10.97 -29.70 7.25
C LYS A 536 -11.32 -28.91 5.96
N PRO A 537 -10.49 -29.02 4.90
CA PRO A 537 -10.79 -28.22 3.74
C PRO A 537 -12.00 -28.66 2.94
N HIS A 538 -12.55 -29.87 3.19
CA HIS A 538 -13.81 -30.29 2.51
C HIS A 538 -15.07 -30.12 3.40
N ALA A 539 -14.93 -29.53 4.58
CA ALA A 539 -16.08 -29.22 5.48
C ALA A 539 -17.08 -28.35 4.75
N THR A 540 -18.37 -28.55 5.04
CA THR A 540 -19.42 -27.64 4.57
C THR A 540 -19.34 -26.23 5.27
N ASN A 541 -19.81 -25.19 4.55
CA ASN A 541 -19.92 -23.79 5.06
C ASN A 541 -20.74 -23.79 6.35
N ASP A 542 -21.84 -24.55 6.35
CA ASP A 542 -22.65 -24.74 7.62
C ASP A 542 -21.90 -25.40 8.77
N GLN A 543 -21.13 -26.46 8.47
CA GLN A 543 -20.29 -27.07 9.53
C GLN A 543 -19.33 -26.00 10.10
N LEU A 544 -18.77 -25.16 9.22
CA LEU A 544 -17.79 -24.15 9.66
C LEU A 544 -18.39 -23.07 10.61
N LYS A 545 -19.51 -22.51 10.21
CA LYS A 545 -20.34 -21.66 11.08
C LYS A 545 -20.60 -22.27 12.42
N THR A 546 -20.86 -23.58 12.45
CA THR A 546 -21.12 -24.25 13.71
C THR A 546 -19.86 -24.46 14.56
N VAL A 547 -18.79 -25.00 13.98
CA VAL A 547 -17.62 -25.29 14.80
C VAL A 547 -16.99 -23.97 15.26
N VAL A 548 -17.14 -22.91 14.46
CA VAL A 548 -16.85 -21.55 14.98
C VAL A 548 -17.78 -21.12 16.11
N GLY A 549 -19.07 -21.46 16.03
CA GLY A 549 -20.09 -21.13 17.09
C GLY A 549 -19.67 -21.61 18.47
N GLU A 550 -19.25 -22.89 18.51
CA GLU A 550 -18.64 -23.56 19.68
C GLU A 550 -17.30 -22.92 20.15
N PHE A 551 -16.64 -22.16 19.25
CA PHE A 551 -15.48 -21.30 19.59
C PHE A 551 -15.98 -20.05 20.38
N THR A 552 -16.81 -19.19 19.76
CA THR A 552 -17.51 -18.05 20.45
C THR A 552 -18.07 -18.39 21.85
N ALA A 553 -18.77 -19.53 21.94
CA ALA A 553 -19.22 -20.09 23.21
C ALA A 553 -18.13 -20.24 24.29
N LEU A 554 -17.09 -21.04 23.97
CA LEU A 554 -16.01 -21.35 24.93
C LEU A 554 -15.24 -20.07 25.32
N LEU A 555 -15.19 -19.11 24.38
CA LEU A 555 -14.67 -17.72 24.60
C LEU A 555 -15.33 -17.02 25.79
N ASP A 556 -16.65 -16.78 25.70
CA ASP A 556 -17.36 -16.02 26.74
C ASP A 556 -17.25 -16.67 28.13
N LYS A 557 -17.31 -18.00 28.12
CA LYS A 557 -17.37 -18.91 29.30
C LYS A 557 -16.29 -18.63 30.35
N CYS A 558 -15.03 -18.93 30.02
CA CYS A 558 -13.91 -18.70 30.92
C CYS A 558 -13.61 -17.19 31.09
N CYS A 559 -14.05 -16.38 30.11
CA CYS A 559 -13.86 -14.92 30.06
C CYS A 559 -14.97 -14.06 30.70
N SER A 560 -15.83 -14.67 31.53
CA SER A 560 -16.95 -13.96 32.20
C SER A 560 -16.54 -12.91 33.27
N ALA A 561 -17.52 -12.37 34.00
CA ALA A 561 -17.25 -11.34 35.02
C ALA A 561 -16.57 -11.85 36.34
N GLU A 562 -16.09 -13.11 36.33
CA GLU A 562 -15.38 -13.73 37.48
C GLU A 562 -13.99 -14.31 37.13
N ASP A 563 -13.11 -14.28 38.15
CA ASP A 563 -11.69 -14.66 38.08
C ASP A 563 -11.38 -16.13 38.51
N LYS A 564 -11.06 -17.00 37.54
CA LYS A 564 -10.60 -18.39 37.82
C LYS A 564 -9.43 -18.84 36.93
N GLU A 565 -8.51 -19.59 37.55
CA GLU A 565 -7.28 -20.11 36.89
C GLU A 565 -7.55 -21.35 36.03
N ALA A 566 -7.17 -21.27 34.74
CA ALA A 566 -7.07 -22.43 33.79
C ALA A 566 -8.35 -23.23 33.39
N CYS A 567 -9.49 -22.54 33.24
CA CYS A 567 -10.76 -23.14 32.74
C CYS A 567 -10.66 -23.80 31.35
N PHE A 568 -9.63 -23.40 30.58
CA PHE A 568 -9.44 -23.74 29.16
C PHE A 568 -8.86 -25.13 28.82
N ALA A 569 -7.91 -25.60 29.63
CA ALA A 569 -7.21 -26.87 29.36
C ALA A 569 -8.08 -28.14 29.53
N VAL A 570 -9.14 -28.08 30.34
CA VAL A 570 -10.17 -29.15 30.45
C VAL A 570 -11.12 -29.08 29.23
N GLU A 571 -11.23 -27.86 28.68
CA GLU A 571 -12.14 -27.48 27.59
C GLU A 571 -11.54 -27.52 26.17
N GLY A 572 -10.21 -27.50 26.10
CA GLY A 572 -9.44 -27.68 24.87
C GLY A 572 -9.59 -29.04 24.20
N PRO A 573 -9.26 -30.16 24.92
CA PRO A 573 -9.56 -31.53 24.46
C PRO A 573 -11.04 -31.83 24.20
N LYS A 574 -11.93 -31.00 24.80
CA LYS A 574 -13.40 -31.16 24.66
C LYS A 574 -14.10 -30.31 23.59
N LEU A 575 -13.52 -29.16 23.25
CA LEU A 575 -13.86 -28.50 22.00
C LEU A 575 -13.37 -29.38 20.85
N VAL A 576 -12.14 -29.90 21.00
CA VAL A 576 -11.57 -30.97 20.13
C VAL A 576 -12.56 -32.12 19.83
N GLU A 577 -13.38 -32.51 20.81
CA GLU A 577 -14.43 -33.52 20.60
C GLU A 577 -15.68 -32.97 19.91
N SER A 578 -16.05 -31.71 20.23
CA SER A 578 -17.24 -31.03 19.67
C SER A 578 -17.03 -30.64 18.21
N SER A 579 -15.75 -30.42 17.88
CA SER A 579 -15.35 -30.18 16.52
C SER A 579 -15.14 -31.49 15.78
N LYS A 580 -14.81 -32.56 16.52
CA LYS A 580 -14.88 -33.93 15.96
C LYS A 580 -16.35 -34.37 15.79
N ALA A 581 -17.27 -33.68 16.45
CA ALA A 581 -18.71 -33.96 16.34
C ALA A 581 -19.30 -33.43 15.02
N THR A 582 -19.15 -32.12 14.80
CA THR A 582 -19.66 -31.43 13.60
C THR A 582 -18.82 -31.72 12.35
N LEU A 583 -17.48 -31.70 12.47
CA LEU A 583 -16.57 -31.87 11.31
C LEU A 583 -16.09 -33.30 10.98
N GLY A 584 -16.19 -34.22 11.93
CA GLY A 584 -15.58 -35.55 11.80
C GLY A 584 -14.06 -35.49 11.96
C1 DIF B . -15.42 -7.34 -3.95
C2 DIF B . -15.30 -8.04 -5.15
CL2 DIF B . -16.23 -7.62 -6.59
C3 DIF B . -14.37 -9.17 -5.28
C4 DIF B . -13.61 -9.51 -4.07
CL4 DIF B . -12.50 -10.86 -4.16
C5 DIF B . -13.77 -8.79 -2.89
C6 DIF B . -14.66 -7.72 -2.85
N1 DIF B . -14.22 -9.84 -6.47
C7 DIF B . -13.72 -10.05 -8.94
C8 DIF B . -13.67 -9.30 -7.63
C9 DIF B . -13.02 -8.07 -7.69
C10 DIF B . -12.48 -7.54 -8.89
C11 DIF B . -12.56 -8.23 -10.09
C12 DIF B . -13.17 -9.49 -10.11
C13 DIF B . -14.39 -11.40 -9.03
C14 DIF B . -13.59 -12.39 -8.21
O1 DIF B . -13.52 -12.28 -6.96
O2 DIF B . -13.01 -13.28 -8.87
C1 DIF C . -19.58 -17.78 7.98
C2 DIF C . -20.18 -17.74 6.71
CL2 DIF C . -21.60 -16.71 6.29
C3 DIF C . -19.64 -18.55 5.61
C4 DIF C . -18.47 -19.41 5.91
CL4 DIF C . -17.81 -20.40 4.57
C5 DIF C . -17.93 -19.41 7.22
C6 DIF C . -18.48 -18.61 8.23
N1 DIF C . -20.20 -18.52 4.37
C7 DIF C . -22.01 -18.84 2.71
C8 DIF C . -21.40 -19.10 4.05
C9 DIF C . -22.12 -19.93 4.94
C10 DIF C . -23.35 -20.50 4.57
C11 DIF C . -23.91 -20.24 3.32
C12 DIF C . -23.26 -19.42 2.39
C13 DIF C . -21.32 -17.94 1.70
C14 DIF C . -20.15 -18.65 1.07
O1 DIF C . -19.17 -19.04 1.77
O2 DIF C . -20.18 -18.80 -0.18
C ACT D . 0.45 8.03 -9.15
O ACT D . -0.58 7.91 -8.46
OXT ACT D . 1.57 7.61 -8.75
CH3 ACT D . 0.34 8.68 -10.49
C ACT E . 2.05 13.45 -6.00
O ACT E . 1.66 12.62 -6.84
OXT ACT E . 2.59 13.12 -4.91
CH3 ACT E . 1.84 14.95 -6.31
C ACT F . 9.42 16.23 16.14
O ACT F . 9.37 15.83 14.96
OXT ACT F . 8.53 16.97 16.60
CH3 ACT F . 10.57 15.81 17.00
C ACT G . 3.36 18.55 13.33
O ACT G . 2.11 18.38 13.23
OXT ACT G . 4.13 18.31 12.37
CH3 ACT G . 3.96 19.03 14.64
C ACT H . 14.95 28.60 -1.70
O ACT H . 14.62 27.39 -1.77
OXT ACT H . 15.67 29.01 -0.77
CH3 ACT H . 14.47 29.57 -2.76
C ACT I . 22.93 22.10 -4.26
O ACT I . 22.73 21.89 -5.48
OXT ACT I . 22.55 23.16 -3.71
CH3 ACT I . 23.63 21.01 -3.48
C3 POG J . 8.44 8.96 -23.83
O2 POG J . 8.33 7.86 -22.91
C5 POG J . 6.97 7.58 -22.52
O3 POG J . 5.69 -2.87 -18.38
C7 POG J . 4.44 -2.19 -18.19
C8 POG J . 3.34 -2.85 -19.01
O4 POG J . 3.02 -2.03 -20.13
C9 POG J . 3.54 -2.54 -21.36
C10 POG J . 3.42 -1.48 -22.45
O5 POG J . 3.63 -0.16 -21.91
C11 POG J . 5.02 0.19 -21.78
C12 POG J . 5.30 1.61 -22.23
O6 POG J . 5.63 2.45 -21.11
C13 POG J . 6.10 3.74 -21.55
C14 POG J . 6.89 4.51 -20.51
O7 POG J . 7.52 5.66 -21.11
C15 POG J . 6.84 6.92 -21.14
C16 POG J . 6.37 6.69 -23.59
C17 POG J . 7.99 3.61 -19.98
C18 POG J . 4.12 2.16 -23.01
C19 POG J . 2.03 -1.55 -23.08
C20 POG J . 2.07 -3.05 -18.18
C3 POG K . -0.42 -1.89 10.99
O2 POG K . -0.41 -0.67 11.76
C5 POG K . -1.47 0.21 11.42
O5 POG K . -4.20 7.68 13.17
C11 POG K . -3.74 7.88 11.81
C12 POG K . -3.16 6.53 11.41
O6 POG K . -2.79 5.78 12.59
C13 POG K . -1.91 4.66 12.43
C14 POG K . -2.43 3.55 11.49
O7 POG K . -2.51 2.29 12.21
C15 POG K . -1.31 1.47 12.30
C16 POG K . -2.86 -0.48 11.51
C17 POG K . -1.63 3.53 10.18
C18 POG K . -2.02 6.80 10.44
C1 PGO L . -6.00 -1.11 4.67
C2 PGO L . -6.56 -1.24 3.27
C3 PGO L . -5.47 -1.21 2.24
O1 PGO L . -5.86 -2.44 5.19
O2 PGO L . -7.54 -0.21 3.03
C1 PGO M . 4.74 13.16 -30.03
C2 PGO M . 3.34 13.30 -29.44
C3 PGO M . 2.32 13.72 -30.50
O1 PGO M . 5.70 12.85 -29.00
O2 PGO M . 3.30 14.28 -28.40
NA NA N . 18.47 5.32 1.33
#